data_6PGD
#
_entry.id   6PGD
#
_cell.length_a   46.698
_cell.length_b   65.240
_cell.length_c   97.195
_cell.angle_alpha   90.00
_cell.angle_beta   90.00
_cell.angle_gamma   90.00
#
_symmetry.space_group_name_H-M   'P 21 21 21'
#
loop_
_entity.id
_entity.type
_entity.pdbx_description
1 polymer 'WD repeat-containing protein 5'
2 non-polymer N-acetyl-L-alanyl-5-[5-(hydroxymethyl)-1H-imidazol-2-yl]-L-norvalyl-L-valinamide
3 non-polymer 'SULFATE ION'
4 water water
#
_entity_poly.entity_id   1
_entity_poly.type   'polypeptide(L)'
_entity_poly.pdbx_seq_one_letter_code
;GSKPNYALKFTLAGHTKAVSSVKFSPNGEWLASSSADKLIKIWGAYDGKFEKTISGHKLGISDVAWSSDSNLLVSASDDK
TLKIWDVSSGKCLKTLKGHSNYVFCCNFNPQSNLIVSGSFDESVRIWDVKTGKCLKTLPAHSDPVSAVHFNRDGSLIVSS
SYDGLCRIWDTASGQCLKTLIDDDNPPVSFVKFSPNGKYILAATLDNTLKLWDYSKGKCLKTYTGHKNEKYCIFANFSVT
GGKWIVSGSEDNLVYIWNLQTKEIVQKLQGHTDVVISTACHPTENIIASAALENDKTIKLWKSDC
;
_entity_poly.pdbx_strand_id   A
#
loop_
_chem_comp.id
_chem_comp.type
_chem_comp.name
_chem_comp.formula
OK4 peptide-like N-acetyl-L-alanyl-5-[5-(hydroxymethyl)-1H-imidazol-2-yl]-L-norvalyl-L-valinamide 'C19 H32 N6 O5'
SO4 non-polymer 'SULFATE ION' 'O4 S -2'
#
# COMPACT_ATOMS: atom_id res chain seq x y z
N GLY A 1 21.52 16.47 -1.26
CA GLY A 1 22.15 16.23 -2.60
C GLY A 1 21.13 15.96 -3.68
N SER A 2 21.57 15.87 -4.95
CA SER A 2 20.73 15.58 -6.13
C SER A 2 20.24 14.13 -6.12
N LYS A 3 20.98 13.24 -5.46
CA LYS A 3 20.65 11.79 -5.34
C LYS A 3 20.55 11.45 -3.86
N PRO A 4 19.72 10.46 -3.49
CA PRO A 4 19.65 10.05 -2.11
C PRO A 4 20.84 9.14 -1.78
N ASN A 5 21.09 8.94 -0.50
CA ASN A 5 22.15 8.00 -0.02
C ASN A 5 21.57 7.15 1.12
N TYR A 6 20.39 6.56 0.89
CA TYR A 6 19.75 5.65 1.85
C TYR A 6 20.76 4.57 2.29
N ALA A 7 20.86 4.38 3.60
CA ALA A 7 21.72 3.35 4.23
C ALA A 7 20.91 2.61 5.28
N LEU A 8 21.16 1.31 5.41
CA LEU A 8 20.44 0.43 6.37
C LEU A 8 20.72 0.92 7.80
N LYS A 9 19.67 1.16 8.58
CA LYS A 9 19.82 1.57 9.99
C LYS A 9 19.33 0.47 10.93
N PHE A 10 18.23 -0.22 10.59
CA PHE A 10 17.62 -1.25 11.48
C PHE A 10 17.01 -2.36 10.65
N THR A 11 17.03 -3.58 11.19
CA THR A 11 16.32 -4.76 10.65
C THR A 11 15.38 -5.22 11.75
N LEU A 12 14.09 -5.37 11.41
CA LEU A 12 12.97 -5.60 12.33
C LEU A 12 12.51 -7.03 12.12
N ALA A 13 12.82 -7.93 13.05
CA ALA A 13 12.48 -9.36 12.92
C ALA A 13 11.38 -9.68 13.91
N GLY A 14 10.52 -10.64 13.55
CA GLY A 14 9.49 -11.14 14.47
C GLY A 14 8.34 -11.79 13.74
N HIS A 15 8.00 -11.34 12.54
CA HIS A 15 6.97 -12.06 11.75
C HIS A 15 7.49 -13.48 11.47
N THR A 16 6.60 -14.46 11.40
CA THR A 16 6.97 -15.88 11.23
C THR A 16 6.58 -16.39 9.84
N LYS A 17 5.95 -15.55 9.02
CA LYS A 17 5.72 -15.81 7.59
C LYS A 17 6.01 -14.51 6.84
N ALA A 18 5.95 -14.56 5.50
CA ALA A 18 6.15 -13.38 4.63
C ALA A 18 5.44 -12.16 5.21
N VAL A 19 6.11 -11.02 5.17
CA VAL A 19 5.48 -9.72 5.45
C VAL A 19 4.71 -9.33 4.19
N SER A 20 3.53 -8.73 4.33
CA SER A 20 2.68 -8.32 3.17
C SER A 20 2.68 -6.82 2.95
N SER A 21 2.77 -6.01 4.01
CA SER A 21 2.71 -4.53 3.87
C SER A 21 3.37 -3.85 5.06
N VAL A 22 3.93 -2.68 4.80
CA VAL A 22 4.41 -1.76 5.86
C VAL A 22 3.87 -0.38 5.56
N LYS A 23 3.53 0.35 6.60
CA LYS A 23 2.98 1.73 6.48
C LYS A 23 3.41 2.54 7.69
N PHE A 24 3.88 3.76 7.47
CA PHE A 24 4.18 4.72 8.57
C PHE A 24 2.90 5.43 9.00
N SER A 25 2.74 5.61 10.30
CA SER A 25 1.66 6.44 10.86
C SER A 25 1.83 7.87 10.36
N PRO A 26 0.73 8.56 10.01
CA PRO A 26 0.80 9.95 9.59
C PRO A 26 1.54 10.88 10.57
N ASN A 27 1.48 10.60 11.87
CA ASN A 27 2.18 11.44 12.89
C ASN A 27 3.67 11.08 12.95
N GLY A 28 4.13 10.09 12.17
CA GLY A 28 5.54 9.70 12.03
C GLY A 28 6.09 8.80 13.15
N GLU A 29 5.29 8.47 14.17
N GLU A 29 5.30 8.46 14.17
CA GLU A 29 5.83 7.81 15.37
CA GLU A 29 5.90 7.84 15.38
C GLU A 29 6.07 6.32 15.09
C GLU A 29 5.97 6.31 15.21
N TRP A 30 5.19 5.70 14.31
CA TRP A 30 5.07 4.23 14.20
C TRP A 30 5.28 3.75 12.78
N LEU A 31 5.75 2.52 12.66
CA LEU A 31 5.56 1.68 11.46
C LEU A 31 4.61 0.55 11.85
N ALA A 32 3.59 0.28 11.03
CA ALA A 32 2.75 -0.93 11.14
C ALA A 32 3.15 -1.90 10.04
N SER A 33 3.21 -3.18 10.37
CA SER A 33 3.45 -4.26 9.41
C SER A 33 2.32 -5.27 9.50
N SER A 34 1.97 -5.86 8.37
CA SER A 34 1.01 -7.00 8.29
C SER A 34 1.74 -8.19 7.69
N SER A 35 1.24 -9.39 7.96
CA SER A 35 1.92 -10.63 7.53
C SER A 35 0.93 -11.75 7.23
N ALA A 36 1.37 -12.70 6.42
CA ALA A 36 0.67 -13.99 6.22
C ALA A 36 0.57 -14.74 7.56
N ASP A 37 1.34 -14.37 8.60
CA ASP A 37 1.26 -15.02 9.93
C ASP A 37 0.02 -14.58 10.73
N LYS A 38 -0.90 -13.83 10.12
N LYS A 38 -0.88 -13.81 10.11
CA LYS A 38 -2.20 -13.38 10.70
CA LYS A 38 -2.19 -13.38 10.69
C LYS A 38 -1.98 -12.20 11.66
C LYS A 38 -1.97 -12.24 11.70
N LEU A 39 -0.76 -11.68 11.78
CA LEU A 39 -0.43 -10.64 12.80
C LEU A 39 -0.18 -9.27 12.18
N ILE A 40 -0.52 -8.24 12.96
CA ILE A 40 -0.05 -6.84 12.78
C ILE A 40 1.01 -6.60 13.85
N LYS A 41 2.12 -5.97 13.49
CA LYS A 41 3.11 -5.53 14.50
C LYS A 41 3.33 -4.03 14.35
N ILE A 42 3.57 -3.39 15.49
CA ILE A 42 3.79 -1.94 15.59
C ILE A 42 5.22 -1.76 16.07
N TRP A 43 5.95 -0.87 15.41
CA TRP A 43 7.39 -0.63 15.64
C TRP A 43 7.65 0.86 15.73
N GLY A 44 8.63 1.28 16.51
CA GLY A 44 9.07 2.69 16.51
C GLY A 44 9.69 3.04 15.16
N ALA A 45 9.24 4.14 14.55
CA ALA A 45 9.64 4.56 13.20
C ALA A 45 11.12 4.92 13.16
N TYR A 46 11.67 5.45 14.25
CA TYR A 46 12.98 6.13 14.27
C TYR A 46 14.06 5.17 14.76
N ASP A 47 13.73 4.24 15.67
CA ASP A 47 14.69 3.31 16.30
C ASP A 47 14.33 1.84 16.05
N GLY A 48 13.26 1.56 15.29
CA GLY A 48 12.78 0.19 15.01
C GLY A 48 12.34 -0.58 16.25
N LYS A 49 12.10 0.08 17.39
CA LYS A 49 11.77 -0.59 18.67
C LYS A 49 10.43 -1.31 18.52
N PHE A 50 10.40 -2.62 18.72
CA PHE A 50 9.14 -3.41 18.71
C PHE A 50 8.24 -2.87 19.81
N GLU A 51 6.98 -2.56 19.47
CA GLU A 51 6.00 -1.98 20.40
C GLU A 51 4.99 -3.04 20.81
N LYS A 52 4.25 -3.60 19.86
CA LYS A 52 3.20 -4.59 20.21
C LYS A 52 2.83 -5.43 18.99
N THR A 53 2.19 -6.56 19.28
CA THR A 53 1.50 -7.41 18.29
C THR A 53 0.01 -7.21 18.45
N ILE A 54 -0.70 -7.06 17.33
CA ILE A 54 -2.18 -6.96 17.27
C ILE A 54 -2.69 -8.20 16.53
N SER A 55 -3.56 -8.96 17.20
N SER A 55 -3.58 -8.95 17.17
CA SER A 55 -4.01 -10.32 16.81
CA SER A 55 -4.00 -10.29 16.70
C SER A 55 -5.54 -10.39 16.75
C SER A 55 -5.52 -10.41 16.76
N GLY A 56 -6.06 -11.28 15.91
CA GLY A 56 -7.50 -11.52 15.82
C GLY A 56 -7.92 -12.10 14.49
N HIS A 57 -7.25 -11.75 13.39
CA HIS A 57 -7.60 -12.35 12.08
C HIS A 57 -7.39 -13.87 12.16
N LYS A 58 -8.22 -14.63 11.45
CA LYS A 58 -8.17 -16.12 11.47
C LYS A 58 -7.28 -16.66 10.34
N LEU A 59 -6.95 -15.83 9.35
CA LEU A 59 -6.04 -16.20 8.22
C LEU A 59 -5.14 -15.00 7.92
N GLY A 60 -4.21 -15.18 6.99
CA GLY A 60 -3.19 -14.19 6.67
C GLY A 60 -3.78 -12.84 6.30
N ILE A 61 -2.96 -11.81 6.47
CA ILE A 61 -3.32 -10.40 6.19
C ILE A 61 -2.51 -9.94 4.98
N SER A 62 -3.15 -9.27 4.04
CA SER A 62 -2.52 -8.74 2.81
C SER A 62 -2.21 -7.26 2.90
N ASP A 63 -2.86 -6.50 3.77
CA ASP A 63 -2.71 -5.04 3.79
C ASP A 63 -3.15 -4.50 5.15
N VAL A 64 -2.55 -3.40 5.54
CA VAL A 64 -2.97 -2.64 6.74
C VAL A 64 -2.83 -1.16 6.39
N ALA A 65 -3.67 -0.30 6.96
CA ALA A 65 -3.62 1.14 6.67
C ALA A 65 -4.00 1.94 7.92
N TRP A 66 -3.46 3.13 8.02
CA TRP A 66 -3.63 4.07 9.16
C TRP A 66 -4.77 5.05 8.90
N SER A 67 -5.50 5.41 9.95
CA SER A 67 -6.38 6.60 9.93
C SER A 67 -5.53 7.88 9.94
N SER A 68 -6.14 8.99 9.53
CA SER A 68 -5.50 10.32 9.39
C SER A 68 -4.91 10.78 10.72
N ASP A 69 -5.52 10.41 11.84
CA ASP A 69 -5.13 10.88 13.20
C ASP A 69 -4.15 9.88 13.85
N SER A 70 -3.73 8.83 13.15
CA SER A 70 -2.75 7.83 13.62
C SER A 70 -3.31 6.96 14.76
N ASN A 71 -4.61 7.01 15.04
CA ASN A 71 -5.19 6.28 16.19
C ASN A 71 -5.73 4.91 15.78
N LEU A 72 -6.11 4.72 14.53
CA LEU A 72 -6.77 3.47 14.08
C LEU A 72 -5.94 2.83 12.97
N LEU A 73 -6.06 1.51 12.87
CA LEU A 73 -5.63 0.72 11.69
C LEU A 73 -6.82 0.00 11.11
N VAL A 74 -6.77 -0.26 9.82
CA VAL A 74 -7.68 -1.26 9.20
C VAL A 74 -6.81 -2.30 8.51
N SER A 75 -7.18 -3.56 8.63
CA SER A 75 -6.45 -4.67 7.98
C SER A 75 -7.38 -5.43 7.02
N ALA A 76 -6.79 -6.01 5.98
CA ALA A 76 -7.51 -6.80 4.96
C ALA A 76 -6.99 -8.25 5.01
N SER A 77 -7.86 -9.25 5.18
CA SER A 77 -7.43 -10.64 5.47
C SER A 77 -8.03 -11.65 4.50
N ASP A 78 -7.38 -12.79 4.40
CA ASP A 78 -7.90 -13.97 3.67
C ASP A 78 -9.13 -14.54 4.37
N ASP A 79 -9.40 -14.13 5.63
CA ASP A 79 -10.60 -14.60 6.36
C ASP A 79 -11.86 -13.90 5.83
N LYS A 80 -11.73 -13.10 4.78
CA LYS A 80 -12.83 -12.43 4.04
C LYS A 80 -13.33 -11.19 4.80
N THR A 81 -12.64 -10.79 5.86
CA THR A 81 -13.02 -9.61 6.66
C THR A 81 -11.94 -8.54 6.59
N LEU A 82 -12.35 -7.33 6.93
CA LEU A 82 -11.42 -6.31 7.42
C LEU A 82 -11.68 -6.12 8.91
N LYS A 83 -10.67 -5.71 9.62
CA LYS A 83 -10.82 -5.35 11.05
C LYS A 83 -10.31 -3.93 11.27
N ILE A 84 -11.07 -3.17 12.04
CA ILE A 84 -10.65 -1.82 12.53
C ILE A 84 -10.10 -2.00 13.93
N TRP A 85 -8.92 -1.46 14.17
CA TRP A 85 -8.16 -1.65 15.43
C TRP A 85 -7.91 -0.31 16.10
N ASP A 86 -8.03 -0.30 17.42
CA ASP A 86 -7.53 0.81 18.25
C ASP A 86 -6.05 0.54 18.50
N VAL A 87 -5.17 1.38 17.98
CA VAL A 87 -3.71 1.08 18.06
C VAL A 87 -3.26 1.09 19.53
N SER A 88 -3.75 2.02 20.32
CA SER A 88 -3.33 2.16 21.74
C SER A 88 -3.70 0.90 22.54
N SER A 89 -4.92 0.39 22.40
CA SER A 89 -5.43 -0.76 23.20
C SER A 89 -5.10 -2.07 22.50
N GLY A 90 -4.87 -2.04 21.19
CA GLY A 90 -4.71 -3.24 20.35
C GLY A 90 -6.01 -3.96 20.14
N LYS A 91 -7.16 -3.39 20.54
CA LYS A 91 -8.45 -4.12 20.47
C LYS A 91 -9.04 -3.97 19.07
N CYS A 92 -9.70 -5.02 18.60
CA CYS A 92 -10.57 -4.98 17.41
C CYS A 92 -11.85 -4.20 17.76
N LEU A 93 -12.09 -3.07 17.10
CA LEU A 93 -13.30 -2.23 17.31
C LEU A 93 -14.45 -2.76 16.47
N LYS A 94 -14.18 -3.17 15.23
CA LYS A 94 -15.21 -3.58 14.26
C LYS A 94 -14.62 -4.66 13.38
N THR A 95 -15.44 -5.64 13.01
CA THR A 95 -15.12 -6.62 11.94
C THR A 95 -16.07 -6.31 10.78
N LEU A 96 -15.49 -6.01 9.61
N LEU A 96 -15.49 -6.01 9.61
CA LEU A 96 -16.25 -5.59 8.41
CA LEU A 96 -16.24 -5.58 8.41
C LEU A 96 -16.51 -6.83 7.56
C LEU A 96 -16.50 -6.82 7.55
N LYS A 97 -17.76 -7.28 7.55
CA LYS A 97 -18.17 -8.53 6.87
C LYS A 97 -19.00 -8.21 5.64
N GLY A 98 -18.73 -8.90 4.54
CA GLY A 98 -19.52 -8.77 3.30
C GLY A 98 -18.77 -9.31 2.09
N HIS A 99 -17.45 -9.13 2.01
CA HIS A 99 -16.68 -9.76 0.93
C HIS A 99 -16.89 -11.28 0.97
N SER A 100 -16.85 -11.92 -0.19
CA SER A 100 -17.08 -13.37 -0.35
C SER A 100 -15.78 -14.10 -0.69
N ASN A 101 -14.65 -13.40 -0.65
CA ASN A 101 -13.33 -13.99 -0.93
C ASN A 101 -12.28 -13.11 -0.24
N TYR A 102 -11.02 -13.49 -0.35
CA TYR A 102 -9.91 -12.78 0.31
C TYR A 102 -10.05 -11.27 0.14
N VAL A 103 -9.85 -10.53 1.22
CA VAL A 103 -9.72 -9.05 1.12
C VAL A 103 -8.22 -8.76 0.93
N PHE A 104 -7.89 -8.01 -0.12
CA PHE A 104 -6.51 -7.86 -0.60
C PHE A 104 -5.92 -6.50 -0.22
N CYS A 105 -6.73 -5.46 -0.20
CA CYS A 105 -6.25 -4.06 -0.14
C CYS A 105 -7.25 -3.19 0.58
N CYS A 106 -6.76 -2.14 1.23
CA CYS A 106 -7.64 -1.28 2.05
C CYS A 106 -7.00 0.08 2.28
N ASN A 107 -7.84 1.06 2.61
CA ASN A 107 -7.38 2.42 2.93
C ASN A 107 -8.51 3.20 3.60
N PHE A 108 -8.16 4.12 4.48
CA PHE A 108 -9.10 5.13 4.99
C PHE A 108 -9.17 6.29 3.99
N ASN A 109 -10.27 7.02 3.99
CA ASN A 109 -10.32 8.33 3.33
C ASN A 109 -9.61 9.35 4.23
N PRO A 110 -9.27 10.55 3.69
CA PRO A 110 -8.65 11.59 4.51
C PRO A 110 -9.48 11.97 5.74
N GLN A 111 -10.81 11.95 5.61
CA GLN A 111 -11.74 12.25 6.73
C GLN A 111 -11.66 11.15 7.76
N SER A 112 -11.30 9.94 7.32
CA SER A 112 -11.23 8.67 8.07
C SER A 112 -12.60 8.29 8.65
N ASN A 113 -13.69 8.71 8.01
CA ASN A 113 -15.06 8.22 8.29
C ASN A 113 -15.38 7.00 7.41
N LEU A 114 -14.62 6.79 6.32
CA LEU A 114 -14.86 5.66 5.38
C LEU A 114 -13.59 4.82 5.27
N ILE A 115 -13.80 3.55 5.02
CA ILE A 115 -12.76 2.60 4.53
C ILE A 115 -13.18 2.13 3.15
N VAL A 116 -12.19 2.02 2.26
CA VAL A 116 -12.38 1.34 0.96
C VAL A 116 -11.59 0.04 0.99
N SER A 117 -12.17 -1.00 0.40
CA SER A 117 -11.54 -2.34 0.32
C SER A 117 -11.66 -2.89 -1.10
N GLY A 118 -10.68 -3.69 -1.48
CA GLY A 118 -10.73 -4.49 -2.71
C GLY A 118 -10.51 -5.94 -2.39
N SER A 119 -11.14 -6.83 -3.16
CA SER A 119 -11.18 -8.28 -2.82
C SER A 119 -10.93 -9.15 -4.05
N PHE A 120 -10.52 -10.38 -3.81
CA PHE A 120 -10.56 -11.49 -4.80
C PHE A 120 -11.97 -11.65 -5.36
N ASP A 121 -13.02 -11.23 -4.63
CA ASP A 121 -14.42 -11.32 -5.10
C ASP A 121 -14.74 -10.30 -6.21
N GLU A 122 -13.77 -9.47 -6.62
CA GLU A 122 -13.80 -8.61 -7.83
C GLU A 122 -14.58 -7.34 -7.54
N SER A 123 -14.96 -7.12 -6.28
CA SER A 123 -15.71 -5.93 -5.85
C SER A 123 -14.80 -4.97 -5.09
N VAL A 124 -15.23 -3.72 -5.05
CA VAL A 124 -14.73 -2.68 -4.14
C VAL A 124 -15.85 -2.37 -3.16
N ARG A 125 -15.58 -2.36 -1.87
CA ARG A 125 -16.62 -2.01 -0.88
C ARG A 125 -16.23 -0.73 -0.17
N ILE A 126 -17.24 0.04 0.21
CA ILE A 126 -17.07 1.30 0.96
C ILE A 126 -17.80 1.11 2.29
N TRP A 127 -17.09 1.29 3.38
CA TRP A 127 -17.58 0.97 4.74
C TRP A 127 -17.63 2.23 5.62
N ASP A 128 -18.61 2.28 6.51
CA ASP A 128 -18.70 3.32 7.55
C ASP A 128 -17.83 2.89 8.73
N VAL A 129 -16.86 3.72 9.11
CA VAL A 129 -15.92 3.42 10.21
C VAL A 129 -16.66 3.32 11.55
N LYS A 130 -17.58 4.25 11.82
CA LYS A 130 -18.27 4.37 13.13
C LYS A 130 -19.11 3.10 13.40
N THR A 131 -19.88 2.65 12.40
CA THR A 131 -20.83 1.50 12.57
C THR A 131 -20.22 0.20 12.08
N GLY A 132 -19.22 0.24 11.20
CA GLY A 132 -18.65 -0.96 10.57
C GLY A 132 -19.54 -1.52 9.46
N LYS A 133 -20.60 -0.78 9.08
CA LYS A 133 -21.58 -1.24 8.07
C LYS A 133 -21.03 -1.01 6.66
N CYS A 134 -21.35 -1.91 5.75
CA CYS A 134 -21.05 -1.71 4.31
C CYS A 134 -22.05 -0.71 3.74
N LEU A 135 -21.57 0.42 3.23
CA LEU A 135 -22.44 1.46 2.62
C LEU A 135 -22.66 1.17 1.13
N LYS A 136 -21.64 0.69 0.40
CA LYS A 136 -21.75 0.46 -1.05
C LYS A 136 -20.88 -0.74 -1.44
N THR A 137 -21.38 -1.55 -2.38
CA THR A 137 -20.62 -2.62 -3.07
C THR A 137 -20.56 -2.24 -4.54
N LEU A 138 -19.35 -2.00 -5.06
CA LEU A 138 -19.15 -1.60 -6.47
C LEU A 138 -18.71 -2.84 -7.23
N PRO A 139 -19.42 -3.19 -8.33
CA PRO A 139 -19.00 -4.30 -9.19
C PRO A 139 -17.86 -3.82 -10.08
N ALA A 140 -16.70 -3.63 -9.47
CA ALA A 140 -15.64 -2.75 -10.01
C ALA A 140 -14.87 -3.42 -11.14
N HIS A 141 -14.64 -4.72 -11.03
CA HIS A 141 -13.65 -5.43 -11.86
C HIS A 141 -14.15 -6.83 -12.19
N SER A 142 -13.42 -7.54 -13.04
CA SER A 142 -13.79 -8.92 -13.45
C SER A 142 -12.67 -9.91 -13.10
N ASP A 143 -11.84 -9.53 -12.13
CA ASP A 143 -10.74 -10.36 -11.56
C ASP A 143 -10.34 -9.67 -10.25
N PRO A 144 -9.51 -10.30 -9.42
CA PRO A 144 -9.17 -9.72 -8.12
C PRO A 144 -8.72 -8.26 -8.21
N VAL A 145 -9.15 -7.50 -7.21
CA VAL A 145 -8.83 -6.07 -7.07
C VAL A 145 -7.50 -5.95 -6.29
N SER A 146 -6.50 -5.38 -6.95
CA SER A 146 -5.11 -5.32 -6.44
C SER A 146 -4.87 -4.10 -5.54
N ALA A 147 -5.56 -2.98 -5.76
CA ALA A 147 -5.31 -1.75 -4.98
C ALA A 147 -6.56 -0.87 -4.99
N VAL A 148 -6.71 -0.10 -3.92
CA VAL A 148 -7.77 0.92 -3.76
C VAL A 148 -7.16 2.08 -2.99
N HIS A 149 -7.52 3.30 -3.35
CA HIS A 149 -6.91 4.50 -2.73
C HIS A 149 -7.86 5.68 -2.91
N PHE A 150 -8.03 6.50 -1.89
CA PHE A 150 -8.80 7.75 -2.02
C PHE A 150 -7.85 8.87 -2.44
N ASN A 151 -8.38 9.87 -3.14
CA ASN A 151 -7.63 11.12 -3.43
C ASN A 151 -7.66 12.05 -2.21
N ARG A 152 -7.03 13.22 -2.32
N ARG A 152 -7.00 13.21 -2.33
CA ARG A 152 -6.71 14.05 -1.13
CA ARG A 152 -6.71 14.12 -1.18
C ARG A 152 -7.96 14.73 -0.56
C ARG A 152 -7.99 14.67 -0.55
N ASP A 153 -9.05 14.90 -1.32
CA ASP A 153 -10.31 15.45 -0.77
C ASP A 153 -11.33 14.33 -0.46
N GLY A 154 -10.99 13.07 -0.76
CA GLY A 154 -11.85 11.90 -0.51
C GLY A 154 -12.98 11.74 -1.51
N SER A 155 -13.13 12.62 -2.49
CA SER A 155 -14.25 12.57 -3.48
C SER A 155 -14.05 11.46 -4.50
N LEU A 156 -12.82 10.96 -4.68
CA LEU A 156 -12.49 9.92 -5.69
C LEU A 156 -11.86 8.71 -5.03
N ILE A 157 -12.13 7.55 -5.62
CA ILE A 157 -11.40 6.28 -5.32
C ILE A 157 -10.77 5.81 -6.63
N VAL A 158 -9.51 5.42 -6.60
CA VAL A 158 -8.89 4.72 -7.75
C VAL A 158 -8.76 3.24 -7.37
N SER A 159 -9.07 2.36 -8.32
CA SER A 159 -8.93 0.90 -8.14
C SER A 159 -8.15 0.32 -9.31
N SER A 160 -7.53 -0.81 -9.07
CA SER A 160 -6.77 -1.56 -10.09
C SER A 160 -7.10 -3.03 -9.95
N SER A 161 -6.89 -3.78 -11.01
CA SER A 161 -7.23 -5.22 -11.00
C SER A 161 -6.36 -6.02 -11.97
N TYR A 162 -6.27 -7.31 -11.66
CA TYR A 162 -5.74 -8.35 -12.57
C TYR A 162 -6.51 -8.38 -13.89
N ASP A 163 -7.70 -7.77 -13.98
CA ASP A 163 -8.46 -7.68 -15.26
C ASP A 163 -7.78 -6.73 -16.26
N GLY A 164 -6.73 -6.01 -15.85
CA GLY A 164 -5.98 -5.09 -16.71
C GLY A 164 -6.47 -3.66 -16.64
N LEU A 165 -7.48 -3.39 -15.82
CA LEU A 165 -8.11 -2.05 -15.75
C LEU A 165 -7.63 -1.26 -14.54
N CYS A 166 -7.61 0.05 -14.73
CA CYS A 166 -7.59 1.05 -13.65
C CYS A 166 -8.84 1.91 -13.83
N ARG A 167 -9.66 2.04 -12.79
N ARG A 167 -9.65 2.05 -12.78
CA ARG A 167 -10.92 2.80 -12.82
CA ARG A 167 -10.92 2.80 -12.82
C ARG A 167 -10.91 3.84 -11.69
C ARG A 167 -10.94 3.82 -11.68
N ILE A 168 -11.58 4.96 -11.93
CA ILE A 168 -11.78 6.03 -10.93
C ILE A 168 -13.26 6.13 -10.65
N TRP A 169 -13.61 6.12 -9.37
CA TRP A 169 -14.99 6.04 -8.86
C TRP A 169 -15.32 7.32 -8.11
N ASP A 170 -16.54 7.79 -8.29
CA ASP A 170 -17.12 8.86 -7.46
C ASP A 170 -17.48 8.25 -6.10
N THR A 171 -16.81 8.66 -5.03
CA THR A 171 -17.08 8.13 -3.66
C THR A 171 -18.56 8.23 -3.33
N ALA A 172 -19.18 9.41 -3.52
CA ALA A 172 -20.54 9.69 -3.00
C ALA A 172 -21.57 8.74 -3.63
N SER A 173 -21.48 8.50 -4.94
CA SER A 173 -22.49 7.72 -5.70
C SER A 173 -22.04 6.29 -5.95
N GLY A 174 -20.73 6.03 -5.86
CA GLY A 174 -20.15 4.73 -6.26
C GLY A 174 -20.09 4.55 -7.77
N GLN A 175 -20.44 5.56 -8.58
CA GLN A 175 -20.50 5.36 -10.05
C GLN A 175 -19.14 5.64 -10.68
N CYS A 176 -18.85 4.97 -11.78
CA CYS A 176 -17.54 5.08 -12.44
C CYS A 176 -17.43 6.44 -13.15
N LEU A 177 -16.34 7.15 -12.91
CA LEU A 177 -16.03 8.44 -13.59
C LEU A 177 -15.22 8.19 -14.84
N LYS A 178 -14.28 7.24 -14.81
CA LYS A 178 -13.50 6.89 -16.01
C LYS A 178 -12.73 5.60 -15.80
N THR A 179 -12.47 4.93 -16.92
CA THR A 179 -11.52 3.83 -17.03
C THR A 179 -10.22 4.41 -17.60
N LEU A 180 -9.23 4.62 -16.75
CA LEU A 180 -7.96 5.30 -17.08
C LEU A 180 -7.09 4.36 -17.90
N ILE A 181 -7.06 3.08 -17.52
CA ILE A 181 -6.30 2.02 -18.23
C ILE A 181 -7.28 0.96 -18.66
N ASP A 182 -7.34 0.66 -19.97
CA ASP A 182 -8.38 -0.22 -20.57
C ASP A 182 -7.69 -1.21 -21.51
N ASP A 183 -6.87 -2.09 -20.94
CA ASP A 183 -6.16 -3.19 -21.66
C ASP A 183 -6.60 -4.52 -21.04
N ASP A 184 -6.59 -5.61 -21.83
CA ASP A 184 -6.90 -7.00 -21.42
C ASP A 184 -5.80 -7.49 -20.48
N ASN A 185 -4.62 -6.95 -20.69
CA ASN A 185 -3.36 -7.36 -20.04
C ASN A 185 -2.36 -6.25 -20.33
N PRO A 186 -1.31 -6.07 -19.52
CA PRO A 186 -1.08 -6.91 -18.34
C PRO A 186 -1.95 -6.54 -17.14
N PRO A 187 -1.99 -7.39 -16.10
CA PRO A 187 -2.57 -7.00 -14.82
C PRO A 187 -2.05 -5.65 -14.34
N VAL A 188 -2.93 -4.84 -13.77
CA VAL A 188 -2.55 -3.60 -13.05
C VAL A 188 -2.48 -4.00 -11.57
N SER A 189 -1.27 -4.05 -11.04
CA SER A 189 -0.94 -4.67 -9.74
C SER A 189 -0.96 -3.65 -8.61
N PHE A 190 -0.95 -2.36 -8.91
CA PHE A 190 -0.95 -1.30 -7.88
C PHE A 190 -1.36 0.01 -8.51
N VAL A 191 -2.12 0.81 -7.78
CA VAL A 191 -2.43 2.22 -8.13
C VAL A 191 -2.52 3.04 -6.85
N LYS A 192 -2.15 4.31 -6.96
CA LYS A 192 -2.51 5.32 -5.94
C LYS A 192 -2.45 6.71 -6.57
N PHE A 193 -3.19 7.62 -5.97
CA PHE A 193 -3.13 9.05 -6.31
C PHE A 193 -1.83 9.64 -5.76
N SER A 194 -1.30 10.61 -6.50
CA SER A 194 -0.22 11.51 -6.05
C SER A 194 -0.72 12.35 -4.88
N PRO A 195 0.18 12.84 -4.02
CA PRO A 195 -0.19 13.68 -2.89
C PRO A 195 -1.21 14.79 -3.23
N ASN A 196 -1.07 15.42 -4.38
CA ASN A 196 -1.95 16.56 -4.78
C ASN A 196 -3.20 16.05 -5.50
N GLY A 197 -3.28 14.76 -5.81
CA GLY A 197 -4.50 14.14 -6.37
C GLY A 197 -4.62 14.36 -7.87
N LYS A 198 -3.62 14.95 -8.52
CA LYS A 198 -3.67 15.24 -9.98
C LYS A 198 -3.18 14.04 -10.79
N TYR A 199 -2.35 13.19 -10.20
CA TYR A 199 -1.70 12.08 -10.94
C TYR A 199 -2.07 10.75 -10.29
N ILE A 200 -1.93 9.69 -11.07
CA ILE A 200 -2.10 8.29 -10.59
C ILE A 200 -0.82 7.55 -10.95
N LEU A 201 -0.21 6.91 -9.95
CA LEU A 201 0.97 6.04 -10.13
C LEU A 201 0.43 4.62 -10.24
N ALA A 202 0.74 3.93 -11.33
CA ALA A 202 0.21 2.59 -11.65
C ALA A 202 1.34 1.64 -11.97
N ALA A 203 1.35 0.48 -11.33
CA ALA A 203 2.24 -0.66 -11.64
C ALA A 203 1.48 -1.67 -12.50
N THR A 204 2.15 -2.21 -13.50
CA THR A 204 1.66 -3.32 -14.33
C THR A 204 2.68 -4.46 -14.26
N LEU A 205 2.20 -5.70 -14.38
CA LEU A 205 3.05 -6.91 -14.22
C LEU A 205 3.83 -7.19 -15.53
N ASP A 206 4.43 -6.15 -16.06
CA ASP A 206 5.41 -6.19 -17.19
C ASP A 206 6.59 -5.30 -16.80
N ASN A 207 6.93 -5.26 -15.51
CA ASN A 207 8.17 -4.61 -15.00
C ASN A 207 8.10 -3.10 -15.27
N THR A 208 6.91 -2.49 -15.11
CA THR A 208 6.70 -1.07 -15.49
C THR A 208 5.87 -0.35 -14.44
N LEU A 209 6.33 0.82 -14.04
CA LEU A 209 5.53 1.85 -13.32
C LEU A 209 5.24 3.01 -14.28
N LYS A 210 4.07 3.61 -14.17
CA LYS A 210 3.71 4.79 -14.99
C LYS A 210 3.04 5.84 -14.13
N LEU A 211 3.34 7.10 -14.38
CA LEU A 211 2.64 8.27 -13.75
C LEU A 211 1.67 8.84 -14.77
N TRP A 212 0.38 8.81 -14.44
CA TRP A 212 -0.72 9.24 -15.33
C TRP A 212 -1.29 10.58 -14.85
N ASP A 213 -1.62 11.46 -15.79
CA ASP A 213 -2.47 12.63 -15.52
C ASP A 213 -3.92 12.16 -15.50
N TYR A 214 -4.58 12.26 -14.34
CA TYR A 214 -5.96 11.74 -14.16
C TYR A 214 -6.91 12.48 -15.11
N SER A 215 -6.87 13.82 -15.08
CA SER A 215 -7.80 14.71 -15.83
C SER A 215 -7.67 14.44 -17.35
N LYS A 216 -6.44 14.39 -17.87
CA LYS A 216 -6.16 14.24 -19.32
C LYS A 216 -6.20 12.76 -19.73
N GLY A 217 -6.10 11.84 -18.76
CA GLY A 217 -6.05 10.39 -19.04
C GLY A 217 -4.83 10.01 -19.86
N LYS A 218 -3.68 10.67 -19.64
CA LYS A 218 -2.45 10.50 -20.45
C LYS A 218 -1.26 10.12 -19.56
N CYS A 219 -0.41 9.22 -20.07
CA CYS A 219 0.84 8.80 -19.39
C CYS A 219 1.87 9.94 -19.50
N LEU A 220 2.39 10.41 -18.37
CA LEU A 220 3.39 11.50 -18.28
C LEU A 220 4.80 10.94 -18.12
N LYS A 221 4.96 9.82 -17.39
CA LYS A 221 6.30 9.28 -17.04
C LYS A 221 6.23 7.77 -16.99
N THR A 222 7.31 7.11 -17.35
CA THR A 222 7.47 5.64 -17.24
C THR A 222 8.75 5.37 -16.47
N TYR A 223 8.69 4.46 -15.50
CA TYR A 223 9.84 4.02 -14.67
C TYR A 223 10.06 2.54 -14.90
N THR A 224 11.27 2.16 -15.33
CA THR A 224 11.65 0.76 -15.57
C THR A 224 13.07 0.53 -15.04
N GLY A 225 13.46 -0.74 -15.01
CA GLY A 225 14.78 -1.19 -14.53
C GLY A 225 14.65 -2.26 -13.47
N HIS A 226 13.48 -2.35 -12.83
CA HIS A 226 13.18 -3.31 -11.76
C HIS A 226 12.48 -4.56 -12.33
N LYS A 227 12.19 -5.53 -11.47
N LYS A 227 12.21 -5.53 -11.47
CA LYS A 227 11.53 -6.81 -11.82
CA LYS A 227 11.52 -6.79 -11.85
C LYS A 227 10.17 -6.85 -11.13
C LYS A 227 10.16 -6.83 -11.14
N ASN A 228 9.08 -6.91 -11.91
CA ASN A 228 7.71 -7.00 -11.34
C ASN A 228 6.81 -7.67 -12.37
N GLU A 229 6.72 -8.99 -12.29
CA GLU A 229 5.88 -9.82 -13.18
C GLU A 229 4.85 -10.62 -12.40
N LYS A 230 4.93 -10.67 -11.06
CA LYS A 230 4.11 -11.62 -10.30
C LYS A 230 3.34 -10.95 -9.14
N TYR A 231 3.99 -10.13 -8.32
CA TYR A 231 3.43 -9.68 -7.02
C TYR A 231 2.88 -8.27 -7.13
N CYS A 232 1.88 -7.98 -6.29
CA CYS A 232 1.28 -6.64 -6.18
C CYS A 232 2.16 -5.82 -5.23
N ILE A 233 3.24 -5.28 -5.80
CA ILE A 233 4.27 -4.50 -5.08
C ILE A 233 3.79 -3.05 -5.00
N PHE A 234 3.77 -2.51 -3.80
CA PHE A 234 3.45 -1.08 -3.56
C PHE A 234 4.49 -0.18 -4.24
N ALA A 235 4.10 1.05 -4.49
CA ALA A 235 5.03 2.13 -4.93
C ALA A 235 4.67 3.41 -4.20
N ASN A 236 5.65 4.28 -4.02
CA ASN A 236 5.50 5.48 -3.18
C ASN A 236 6.02 6.72 -3.92
N PHE A 237 5.43 7.86 -3.57
CA PHE A 237 5.99 9.21 -3.78
C PHE A 237 6.81 9.56 -2.54
N SER A 238 8.13 9.71 -2.69
CA SER A 238 9.02 10.20 -1.59
C SER A 238 9.10 11.73 -1.74
N VAL A 239 8.72 12.48 -0.71
CA VAL A 239 8.49 13.95 -0.84
C VAL A 239 9.24 14.72 0.25
N THR A 240 9.87 14.06 1.21
CA THR A 240 10.52 14.74 2.37
C THR A 240 11.81 15.44 1.94
N GLY A 241 12.55 14.84 1.00
CA GLY A 241 13.80 15.39 0.43
C GLY A 241 13.67 15.58 -1.06
N GLY A 242 14.49 14.88 -1.85
CA GLY A 242 14.34 14.87 -3.30
C GLY A 242 13.03 14.19 -3.68
N LYS A 243 12.48 14.50 -4.85
CA LYS A 243 11.18 13.96 -5.29
C LYS A 243 11.43 12.68 -6.08
N TRP A 244 11.26 11.56 -5.37
CA TRP A 244 11.53 10.21 -5.91
C TRP A 244 10.22 9.44 -6.09
N ILE A 245 10.33 8.39 -6.91
CA ILE A 245 9.42 7.21 -6.91
C ILE A 245 10.19 6.05 -6.28
N VAL A 246 9.55 5.34 -5.38
CA VAL A 246 10.14 4.18 -4.64
C VAL A 246 9.30 2.93 -4.92
N SER A 247 9.95 1.79 -5.16
CA SER A 247 9.24 0.50 -5.29
C SER A 247 10.15 -0.63 -4.87
N GLY A 248 9.56 -1.65 -4.28
CA GLY A 248 10.19 -2.98 -4.21
C GLY A 248 10.29 -3.62 -5.58
N SER A 249 10.91 -4.79 -5.59
CA SER A 249 11.30 -5.49 -6.83
C SER A 249 11.49 -6.97 -6.53
N GLU A 250 11.25 -7.80 -7.53
CA GLU A 250 11.34 -9.27 -7.42
C GLU A 250 12.80 -9.75 -7.54
N ASP A 251 13.75 -8.82 -7.71
CA ASP A 251 15.21 -9.14 -7.59
C ASP A 251 15.72 -8.76 -6.19
N ASN A 252 14.81 -8.56 -5.22
CA ASN A 252 15.15 -8.42 -3.77
C ASN A 252 15.71 -7.03 -3.46
N LEU A 253 15.61 -6.08 -4.38
CA LEU A 253 16.11 -4.69 -4.18
C LEU A 253 14.95 -3.71 -3.98
N VAL A 254 15.24 -2.59 -3.34
CA VAL A 254 14.39 -1.37 -3.37
C VAL A 254 14.95 -0.48 -4.48
N TYR A 255 14.11 -0.07 -5.42
CA TYR A 255 14.46 0.88 -6.51
C TYR A 255 13.96 2.27 -6.16
N ILE A 256 14.80 3.26 -6.43
CA ILE A 256 14.48 4.70 -6.24
C ILE A 256 14.78 5.40 -7.56
N TRP A 257 13.77 6.06 -8.12
CA TRP A 257 13.90 6.84 -9.38
C TRP A 257 13.73 8.32 -9.08
N ASN A 258 14.39 9.16 -9.84
CA ASN A 258 14.05 10.60 -9.90
C ASN A 258 12.70 10.74 -10.61
N LEU A 259 11.70 11.33 -9.96
CA LEU A 259 10.32 11.38 -10.52
C LEU A 259 10.33 12.11 -11.87
N GLN A 260 11.06 13.23 -12.00
CA GLN A 260 11.06 14.03 -13.24
C GLN A 260 11.89 13.37 -14.34
N THR A 261 13.11 12.91 -14.04
CA THR A 261 14.04 12.44 -15.11
C THR A 261 13.80 10.97 -15.44
N LYS A 262 13.21 10.22 -14.51
CA LYS A 262 12.94 8.75 -14.63
C LYS A 262 14.24 7.95 -14.51
N GLU A 263 15.36 8.58 -14.14
CA GLU A 263 16.62 7.82 -13.96
C GLU A 263 16.57 7.12 -12.60
N ILE A 264 17.05 5.89 -12.56
CA ILE A 264 17.33 5.17 -11.28
C ILE A 264 18.43 5.94 -10.56
N VAL A 265 18.18 6.35 -9.31
CA VAL A 265 19.17 7.11 -8.49
C VAL A 265 19.68 6.26 -7.33
N GLN A 266 19.02 5.17 -6.97
CA GLN A 266 19.59 4.25 -5.96
C GLN A 266 18.90 2.90 -6.04
N LYS A 267 19.61 1.85 -5.69
CA LYS A 267 19.10 0.48 -5.45
C LYS A 267 19.57 0.04 -4.08
N LEU A 268 18.65 -0.31 -3.19
CA LEU A 268 18.98 -0.67 -1.80
C LEU A 268 19.07 -2.20 -1.70
N GLN A 269 20.26 -2.70 -1.37
CA GLN A 269 20.57 -4.16 -1.31
C GLN A 269 20.57 -4.59 0.16
N GLY A 270 20.01 -5.76 0.44
CA GLY A 270 20.08 -6.36 1.78
C GLY A 270 19.04 -7.43 1.97
N HIS A 271 17.84 -7.25 1.41
CA HIS A 271 16.79 -8.28 1.54
C HIS A 271 17.21 -9.55 0.79
N THR A 272 16.67 -10.70 1.22
CA THR A 272 17.00 -12.02 0.64
C THR A 272 15.74 -12.63 0.04
N ASP A 273 14.68 -11.83 -0.18
CA ASP A 273 13.51 -12.29 -0.96
C ASP A 273 12.86 -11.05 -1.57
N VAL A 274 11.83 -11.28 -2.35
CA VAL A 274 11.07 -10.22 -3.05
C VAL A 274 10.73 -9.12 -2.04
N VAL A 275 10.98 -7.88 -2.41
CA VAL A 275 10.53 -6.71 -1.61
C VAL A 275 9.12 -6.37 -2.06
N ILE A 276 8.13 -6.76 -1.25
CA ILE A 276 6.68 -6.67 -1.56
C ILE A 276 6.15 -5.26 -1.26
N SER A 277 6.75 -4.56 -0.32
CA SER A 277 6.18 -3.32 0.24
C SER A 277 7.29 -2.39 0.70
N THR A 278 7.12 -1.11 0.35
CA THR A 278 7.93 0.02 0.80
C THR A 278 6.97 1.10 1.30
N ALA A 279 7.44 1.90 2.22
CA ALA A 279 6.74 3.07 2.77
C ALA A 279 7.76 4.19 2.99
N CYS A 280 7.32 5.43 2.81
CA CYS A 280 8.16 6.64 2.99
C CYS A 280 7.66 7.41 4.19
N HIS A 281 8.57 7.72 5.11
CA HIS A 281 8.23 8.43 6.36
C HIS A 281 7.64 9.79 6.00
N PRO A 282 6.60 10.27 6.72
CA PRO A 282 5.95 11.53 6.36
C PRO A 282 6.79 12.80 6.53
N THR A 283 7.83 12.80 7.38
CA THR A 283 8.64 14.01 7.67
C THR A 283 10.13 13.77 7.51
N GLU A 284 10.63 12.57 7.79
CA GLU A 284 12.08 12.25 7.72
C GLU A 284 12.37 11.47 6.42
N ASN A 285 13.59 11.57 5.92
CA ASN A 285 14.06 10.79 4.75
C ASN A 285 14.32 9.36 5.21
N ILE A 286 13.25 8.60 5.44
CA ILE A 286 13.30 7.22 5.96
C ILE A 286 12.39 6.35 5.08
N ILE A 287 12.93 5.23 4.61
CA ILE A 287 12.17 4.19 3.88
C ILE A 287 12.08 2.94 4.77
N ALA A 288 10.90 2.35 4.85
CA ALA A 288 10.70 0.98 5.35
C ALA A 288 10.50 0.06 4.16
N SER A 289 11.13 -1.09 4.19
CA SER A 289 10.96 -2.15 3.15
C SER A 289 10.66 -3.47 3.83
N ALA A 290 9.89 -4.34 3.18
CA ALA A 290 9.54 -5.65 3.76
C ALA A 290 9.58 -6.72 2.68
N ALA A 291 9.92 -7.94 3.06
CA ALA A 291 10.22 -9.03 2.12
C ALA A 291 9.45 -10.31 2.44
N LEU A 292 9.42 -11.17 1.43
CA LEU A 292 8.64 -12.44 1.47
C LEU A 292 9.36 -13.54 2.28
N GLU A 293 8.93 -14.80 2.15
N GLU A 293 8.93 -14.79 2.08
CA GLU A 293 9.09 -15.88 3.16
CA GLU A 293 9.08 -15.96 2.99
C GLU A 293 10.55 -16.25 3.45
C GLU A 293 10.54 -16.23 3.39
N ASN A 294 11.48 -16.09 2.51
N ASN A 294 11.49 -16.07 2.48
CA ASN A 294 12.91 -16.43 2.75
CA ASN A 294 12.91 -16.44 2.74
C ASN A 294 13.48 -15.45 3.80
C ASN A 294 13.62 -15.34 3.53
N ASP A 295 12.92 -14.24 3.87
CA ASP A 295 13.51 -13.07 4.59
C ASP A 295 12.65 -12.78 5.82
N LYS A 296 11.40 -12.36 5.62
CA LYS A 296 10.38 -12.12 6.67
C LYS A 296 10.78 -10.96 7.59
N THR A 297 11.72 -10.11 7.15
CA THR A 297 12.14 -8.93 7.94
C THR A 297 11.68 -7.64 7.28
N ILE A 298 11.65 -6.59 8.08
CA ILE A 298 11.45 -5.21 7.65
C ILE A 298 12.78 -4.49 7.85
N LYS A 299 13.16 -3.65 6.89
CA LYS A 299 14.39 -2.84 7.03
C LYS A 299 14.02 -1.36 7.01
N LEU A 300 14.69 -0.59 7.87
CA LEU A 300 14.57 0.87 7.93
C LEU A 300 15.87 1.47 7.38
N TRP A 301 15.74 2.33 6.38
CA TRP A 301 16.85 3.00 5.67
C TRP A 301 16.73 4.51 5.85
N LYS A 302 17.86 5.20 5.98
N LYS A 302 17.86 5.20 6.03
CA LYS A 302 17.87 6.67 6.22
CA LYS A 302 17.84 6.68 6.19
C LYS A 302 18.82 7.34 5.23
C LYS A 302 18.80 7.33 5.20
N SER A 303 18.40 8.49 4.68
CA SER A 303 19.15 9.29 3.69
C SER A 303 19.32 10.71 4.21
N ASP A 304 20.43 11.35 3.85
CA ASP A 304 20.66 12.79 4.12
C ASP A 304 19.85 13.65 3.13
N CYS A 305 19.40 13.07 2.01
CA CYS A 305 18.87 13.81 0.83
C CYS A 305 17.54 13.18 0.38
C25 OK4 B . -2.14 -13.43 1.62
O26 OK4 B . -1.01 -13.59 1.21
C27 OK4 B . -2.49 -13.20 3.07
N24 OK4 B . -3.21 -13.40 0.69
C22 OK4 B . -3.01 -13.66 -0.73
C20 OK4 B . -1.92 -12.84 -1.41
O21 OK4 B . -1.32 -13.23 -2.40
C23 OK4 B . -4.34 -13.43 -1.40
C11 OK4 B . 0.73 -7.25 -0.69
C14 OK4 B . -1.14 -4.51 -2.25
C10 OK4 B . 0.65 -8.58 -1.44
C12 OK4 B . -0.26 -6.15 -1.14
C17 OK4 B . -1.30 -3.40 -3.28
C15 OK4 B . -1.94 -4.79 -1.14
C06 OK4 B . 0.75 -11.45 -1.58
O07 OK4 B . 1.52 -11.22 -2.49
C08 OK4 B . -0.62 -10.77 -1.61
C09 OK4 B . -0.53 -9.41 -0.92
N13 OK4 B . -0.10 -5.38 -2.21
N16 OK4 B . -1.36 -5.80 -0.47
O18 OK4 B . -2.53 -2.73 -3.10
N19 OK4 B . -1.63 -11.55 -0.89
N05 OK4 B . 1.10 -12.35 -0.51
C04 OK4 B . 2.44 -12.95 -0.44
C28 OK4 B . 2.54 -14.20 -1.28
O29 OK4 B . 3.59 -14.78 -1.37
C02 OK4 B . 2.89 -13.27 0.98
C01 OK4 B . 2.76 -12.03 1.87
C03 OK4 B . 2.22 -14.52 1.60
N30 OK4 B . 1.38 -14.67 -1.97
S SO4 C . 3.74 5.91 1.54
O1 SO4 C . 4.96 6.60 1.35
O2 SO4 C . 3.22 5.48 0.27
O3 SO4 C . 3.98 4.74 2.35
O4 SO4 C . 2.74 6.75 2.20
S SO4 D . 7.70 8.29 -20.87
O1 SO4 D . 7.78 9.72 -20.73
O2 SO4 D . 7.86 7.93 -22.26
O3 SO4 D . 6.39 7.84 -20.40
O4 SO4 D . 8.75 7.69 -20.10
S SO4 E . -0.28 4.63 24.13
O1 SO4 E . 1.13 4.38 24.02
O2 SO4 E . -0.67 5.74 23.30
O3 SO4 E . -1.02 3.45 23.73
O4 SO4 E . -0.61 4.93 25.51
#